data_3BK6
#
_entry.id   3BK6
#
_cell.length_a   142.553
_cell.length_b   137.150
_cell.length_c   58.544
_cell.angle_alpha   90.00
_cell.angle_beta   107.61
_cell.angle_gamma   90.00
#
_symmetry.space_group_name_H-M   'C 1 2 1'
#
_entity_poly.entity_id   1
_entity_poly.type   'polypeptide(L)'
_entity_poly.pdbx_seq_one_letter_code
;MIFEKAVIVDLRTQVLDVPVQETITKDNVPVRVNAVVYFRVVDPVKAVTQVKNYIMATSQISQTTLRSVIGQAHLDELLS
ERDKLNMQLQRIIDEATDPWGIKVTAVEIKDVELPAGMQKAMARQAEAERERRARITLAEAERQAAEKLREAAEIISEHP
MALQLRTLQTISDVAGDKSNLEHHHHHH
;
_entity_poly.pdbx_strand_id   A,B,C
#
# COMPACT_ATOMS: atom_id res chain seq x y z
N MET A 1 20.23 -29.30 6.27
CA MET A 1 19.79 -29.00 7.66
C MET A 1 18.32 -28.64 7.71
N ILE A 2 17.93 -28.06 8.84
CA ILE A 2 16.64 -27.43 8.96
C ILE A 2 16.78 -25.88 9.05
N PHE A 3 16.25 -25.19 8.04
CA PHE A 3 16.35 -23.76 8.08
C PHE A 3 15.15 -23.06 8.73
N GLU A 4 15.36 -21.81 9.17
CA GLU A 4 14.34 -20.99 9.79
C GLU A 4 14.54 -19.49 9.56
N LYS A 5 13.46 -18.76 9.32
CA LYS A 5 13.60 -17.32 9.02
C LYS A 5 14.35 -16.56 10.08
N ALA A 6 15.37 -15.81 9.72
CA ALA A 6 16.15 -15.05 10.68
C ALA A 6 15.34 -13.87 11.12
N VAL A 7 15.37 -13.59 12.43
CA VAL A 7 14.71 -12.41 12.91
C VAL A 7 15.68 -11.26 12.91
N ILE A 8 15.84 -10.58 11.79
CA ILE A 8 16.66 -9.37 11.82
C ILE A 8 15.92 -7.99 11.88
N VAL A 9 16.57 -6.97 12.45
CA VAL A 9 16.06 -5.59 12.37
C VAL A 9 15.43 -5.29 11.00
N ASP A 10 14.25 -4.68 10.99
CA ASP A 10 13.60 -4.46 9.72
C ASP A 10 14.02 -3.16 9.07
N LEU A 11 14.14 -3.17 7.75
CA LEU A 11 14.53 -2.01 6.97
C LEU A 11 13.29 -1.38 6.42
N ARG A 12 12.44 -2.18 5.77
CA ARG A 12 11.15 -1.67 5.33
C ARG A 12 10.08 -2.32 6.17
N THR A 13 8.95 -1.63 6.28
CA THR A 13 7.76 -2.15 6.94
C THR A 13 7.40 -3.57 6.56
N GLN A 14 7.23 -4.45 7.54
CA GLN A 14 6.56 -5.74 7.35
C GLN A 14 5.02 -5.60 7.52
N VAL A 15 4.24 -6.48 6.92
CA VAL A 15 2.79 -6.33 6.89
C VAL A 15 2.15 -7.63 7.32
N LEU A 16 1.30 -7.64 8.34
CA LEU A 16 0.62 -8.89 8.68
C LEU A 16 -0.90 -8.78 8.57
N ASP A 17 -1.59 -9.80 8.02
CA ASP A 17 -3.07 -9.80 7.93
C ASP A 17 -3.74 -10.39 9.15
N VAL A 18 -4.57 -9.60 9.83
CA VAL A 18 -5.40 -10.10 10.91
C VAL A 18 -6.66 -10.85 10.37
N PRO A 19 -6.80 -12.19 10.65
CA PRO A 19 -7.89 -13.00 10.07
C PRO A 19 -9.25 -12.45 10.43
N VAL A 20 -10.24 -12.71 9.60
CA VAL A 20 -11.60 -12.19 9.85
C VAL A 20 -12.14 -12.52 11.23
N GLN A 21 -12.82 -11.60 11.89
CA GLN A 21 -13.56 -11.95 13.12
C GLN A 21 -15.03 -11.75 13.00
N GLU A 22 -15.81 -12.58 13.69
CA GLU A 22 -17.22 -12.28 13.80
C GLU A 22 -17.40 -11.73 15.19
N THR A 23 -18.02 -10.56 15.32
CA THR A 23 -18.36 -10.06 16.63
C THR A 23 -19.41 -8.97 16.47
N ILE A 24 -20.06 -8.65 17.59
CA ILE A 24 -21.21 -7.74 17.64
C ILE A 24 -20.83 -6.29 18.06
N THR A 25 -21.38 -5.28 17.39
CA THR A 25 -21.11 -3.91 17.78
C THR A 25 -21.78 -3.68 19.10
N LYS A 26 -21.50 -2.56 19.74
CA LYS A 26 -22.11 -2.17 21.04
C LYS A 26 -23.63 -2.02 20.85
N ASP A 27 -23.96 -0.98 20.12
CA ASP A 27 -24.94 -0.93 19.07
C ASP A 27 -25.79 -2.16 18.78
N ASN A 28 -25.24 -3.39 18.82
CA ASN A 28 -26.02 -4.65 18.64
C ASN A 28 -26.05 -5.39 17.30
N VAL A 29 -25.12 -5.05 16.42
CA VAL A 29 -25.12 -5.59 15.07
C VAL A 29 -23.96 -6.57 14.94
N PRO A 30 -24.24 -7.82 14.50
CA PRO A 30 -23.16 -8.74 14.24
C PRO A 30 -22.34 -8.23 13.06
N VAL A 31 -21.05 -8.53 13.02
CA VAL A 31 -20.19 -8.03 11.94
C VAL A 31 -19.06 -8.96 11.69
N ARG A 32 -18.53 -8.95 10.46
CA ARG A 32 -17.23 -9.57 10.21
C ARG A 32 -16.25 -8.55 9.74
N VAL A 33 -15.09 -8.50 10.39
CA VAL A 33 -14.12 -7.45 10.19
C VAL A 33 -12.71 -8.02 10.27
N ASN A 34 -11.85 -7.55 9.40
CA ASN A 34 -10.50 -8.00 9.40
C ASN A 34 -9.62 -6.73 9.28
N ALA A 35 -8.31 -6.81 9.26
CA ALA A 35 -7.58 -5.59 9.09
C ALA A 35 -6.16 -5.94 8.92
N VAL A 36 -5.31 -4.92 8.94
CA VAL A 36 -3.97 -5.11 8.48
C VAL A 36 -3.10 -4.40 9.48
N VAL A 37 -2.06 -5.09 9.94
CA VAL A 37 -1.08 -4.49 10.82
C VAL A 37 0.23 -4.12 10.11
N TYR A 38 0.69 -2.88 10.22
CA TYR A 38 2.01 -2.54 9.69
C TYR A 38 3.03 -2.34 10.78
N PHE A 39 4.07 -3.19 10.75
CA PHE A 39 5.12 -3.21 11.76
C PHE A 39 6.57 -3.40 11.22
N ARG A 40 7.52 -3.46 12.16
CA ARG A 40 8.91 -3.31 11.88
C ARG A 40 9.48 -3.83 13.21
N VAL A 41 10.16 -4.98 13.17
CA VAL A 41 10.99 -5.53 14.28
C VAL A 41 12.14 -4.58 14.53
N VAL A 42 12.14 -3.97 15.71
CA VAL A 42 13.08 -2.90 16.03
C VAL A 42 14.21 -3.44 16.89
N ASP A 43 13.99 -4.60 17.51
CA ASP A 43 14.94 -5.17 18.47
C ASP A 43 14.73 -6.68 18.48
N PRO A 44 15.49 -7.39 17.63
CA PRO A 44 15.31 -8.80 17.30
C PRO A 44 15.53 -9.73 18.49
N VAL A 45 16.35 -9.30 19.44
CA VAL A 45 16.66 -10.07 20.64
C VAL A 45 15.36 -10.19 21.44
N LYS A 46 14.67 -9.07 21.67
CA LYS A 46 13.38 -9.15 22.37
C LYS A 46 12.33 -9.99 21.62
N ALA A 47 12.27 -9.82 20.31
CA ALA A 47 11.34 -10.54 19.48
C ALA A 47 11.59 -12.05 19.54
N VAL A 48 12.83 -12.43 19.76
CA VAL A 48 13.14 -13.85 19.76
C VAL A 48 12.98 -14.34 21.18
N THR A 49 13.44 -13.51 22.11
CA THR A 49 13.56 -13.87 23.47
C THR A 49 12.27 -13.89 24.29
N GLN A 50 11.31 -13.02 23.99
CA GLN A 50 10.21 -12.69 24.89
C GLN A 50 8.86 -13.31 24.56
N VAL A 51 8.71 -13.89 23.38
CA VAL A 51 7.47 -14.53 23.01
C VAL A 51 7.97 -15.72 22.19
N LYS A 52 7.16 -16.74 21.91
CA LYS A 52 7.73 -17.91 21.26
C LYS A 52 7.81 -17.61 19.79
N ASN A 53 6.65 -17.28 19.21
CA ASN A 53 6.59 -16.77 17.87
C ASN A 53 5.85 -15.42 17.85
N TYR A 54 6.63 -14.32 18.01
CA TYR A 54 6.18 -12.93 17.79
C TYR A 54 5.23 -12.70 16.58
N ILE A 55 5.46 -13.36 15.44
CA ILE A 55 4.48 -13.24 14.38
C ILE A 55 3.11 -13.68 14.85
N MET A 56 3.02 -14.86 15.45
CA MET A 56 1.74 -15.27 15.97
C MET A 56 1.29 -14.49 17.20
N ALA A 57 2.19 -14.24 18.13
CA ALA A 57 1.81 -13.34 19.23
C ALA A 57 1.14 -12.04 18.75
N THR A 58 1.76 -11.30 17.84
CA THR A 58 1.15 -10.09 17.24
C THR A 58 -0.23 -10.36 16.56
N SER A 59 -0.26 -11.42 15.78
CA SER A 59 -1.50 -11.90 15.28
C SER A 59 -2.53 -12.03 16.41
N GLN A 60 -2.21 -12.66 17.53
CA GLN A 60 -3.16 -12.70 18.68
C GLN A 60 -3.65 -11.32 19.17
N ILE A 61 -2.81 -10.55 19.83
CA ILE A 61 -3.27 -9.28 20.40
C ILE A 61 -4.08 -8.55 19.36
N SER A 62 -3.66 -8.67 18.10
CA SER A 62 -4.39 -7.99 17.04
C SER A 62 -5.87 -8.35 17.01
N GLN A 63 -6.15 -9.66 16.98
CA GLN A 63 -7.52 -10.14 17.11
C GLN A 63 -8.19 -9.72 18.42
N THR A 64 -7.57 -10.02 19.56
CA THR A 64 -8.16 -9.62 20.86
C THR A 64 -8.59 -8.17 20.84
N THR A 65 -7.70 -7.28 20.43
CA THR A 65 -8.03 -5.85 20.35
C THR A 65 -9.17 -5.55 19.36
N LEU A 66 -9.05 -6.04 18.12
CA LEU A 66 -10.04 -5.76 17.11
C LEU A 66 -11.39 -6.23 17.64
N ARG A 67 -11.43 -7.41 18.25
CA ARG A 67 -12.65 -7.89 18.91
C ARG A 67 -13.10 -6.89 19.96
N SER A 68 -12.24 -6.64 20.91
CA SER A 68 -12.59 -5.80 22.04
C SER A 68 -13.19 -4.45 21.60
N VAL A 69 -12.47 -3.80 20.72
CA VAL A 69 -12.76 -2.50 20.20
C VAL A 69 -14.13 -2.50 19.56
N ILE A 70 -14.39 -3.47 18.71
CA ILE A 70 -15.67 -3.47 18.05
C ILE A 70 -16.74 -3.59 19.11
N GLY A 71 -16.52 -4.45 20.10
CA GLY A 71 -17.37 -4.57 21.30
C GLY A 71 -17.87 -3.26 21.86
N GLN A 72 -16.95 -2.35 22.22
CA GLN A 72 -17.30 -1.01 22.68
C GLN A 72 -17.47 -0.01 21.57
N ALA A 73 -18.02 -0.42 20.43
CA ALA A 73 -18.17 0.52 19.29
C ALA A 73 -19.52 0.44 18.58
N HIS A 74 -19.98 1.59 18.14
CA HIS A 74 -21.28 1.63 17.53
C HIS A 74 -21.10 1.27 16.06
N LEU A 75 -22.03 0.48 15.52
CA LEU A 75 -21.97 0.21 14.07
C LEU A 75 -21.44 1.45 13.34
N ASP A 76 -21.94 2.62 13.68
CA ASP A 76 -21.48 3.71 12.91
C ASP A 76 -20.00 4.06 12.98
N GLU A 77 -19.30 3.61 14.02
CA GLU A 77 -17.90 3.99 14.13
C GLU A 77 -17.07 3.15 13.22
N LEU A 78 -17.50 1.91 12.94
CA LEU A 78 -16.83 1.08 11.96
C LEU A 78 -17.03 1.59 10.57
N LEU A 79 -18.19 2.15 10.27
CA LEU A 79 -18.42 2.57 8.88
C LEU A 79 -17.96 4.01 8.63
N SER A 80 -17.72 4.79 9.69
CA SER A 80 -17.57 6.24 9.51
C SER A 80 -16.49 6.97 10.24
N GLU A 81 -15.82 6.31 11.16
CA GLU A 81 -14.70 6.97 11.83
C GLU A 81 -13.57 5.98 11.79
N ARG A 82 -13.06 5.73 10.58
CA ARG A 82 -12.00 4.73 10.45
C ARG A 82 -10.82 5.33 11.08
N ASP A 83 -10.53 6.51 10.56
CA ASP A 83 -9.35 7.19 10.91
C ASP A 83 -9.10 7.08 12.40
N LYS A 84 -10.17 7.30 13.16
CA LYS A 84 -10.09 7.27 14.61
C LYS A 84 -9.96 5.81 15.09
N LEU A 85 -10.69 4.90 14.45
CA LEU A 85 -10.57 3.47 14.78
C LEU A 85 -9.17 2.90 14.63
N ASN A 86 -8.61 3.11 13.46
CA ASN A 86 -7.33 2.57 13.20
C ASN A 86 -6.37 3.17 14.19
N MET A 87 -6.53 4.46 14.49
CA MET A 87 -5.61 5.16 15.38
C MET A 87 -5.72 4.55 16.77
N GLN A 88 -6.94 4.48 17.29
CA GLN A 88 -7.24 3.65 18.44
C GLN A 88 -6.58 2.24 18.34
N LEU A 89 -6.65 1.60 17.16
CA LEU A 89 -6.06 0.28 17.00
C LEU A 89 -4.53 0.32 17.04
N GLN A 90 -3.92 1.36 16.48
CA GLN A 90 -2.47 1.40 16.49
C GLN A 90 -1.98 1.58 17.90
N ARG A 91 -2.56 2.55 18.58
CA ARG A 91 -2.30 2.85 20.00
C ARG A 91 -2.28 1.62 20.90
N ILE A 92 -3.36 0.84 20.89
CA ILE A 92 -3.43 -0.26 21.83
C ILE A 92 -2.45 -1.31 21.42
N ILE A 93 -2.41 -1.55 20.12
CA ILE A 93 -1.67 -2.68 19.59
C ILE A 93 -0.15 -2.42 19.60
N ASP A 94 0.28 -1.16 19.44
CA ASP A 94 1.71 -0.90 19.41
C ASP A 94 2.22 -1.10 20.81
N GLU A 95 1.44 -0.60 21.77
CA GLU A 95 1.78 -0.63 23.16
C GLU A 95 1.95 -2.05 23.61
N ALA A 96 0.96 -2.88 23.32
CA ALA A 96 0.95 -4.25 23.79
C ALA A 96 2.23 -4.90 23.34
N THR A 97 2.74 -4.40 22.25
CA THR A 97 3.63 -5.14 21.43
C THR A 97 5.11 -4.90 21.79
N ASP A 98 5.42 -3.97 22.67
CA ASP A 98 6.79 -3.54 22.76
C ASP A 98 7.67 -4.42 23.62
N PRO A 99 7.09 -5.03 24.68
CA PRO A 99 7.83 -6.10 25.36
C PRO A 99 8.60 -6.98 24.37
N TRP A 100 8.07 -7.14 23.14
CA TRP A 100 8.65 -8.02 22.09
C TRP A 100 9.54 -7.34 21.07
N GLY A 101 9.68 -6.02 21.18
CA GLY A 101 10.67 -5.31 20.39
C GLY A 101 10.16 -4.94 19.01
N ILE A 102 8.84 -4.93 18.88
CA ILE A 102 8.15 -4.57 17.66
C ILE A 102 7.60 -3.14 17.75
N LYS A 103 7.94 -2.27 16.78
CA LYS A 103 7.18 -1.03 16.62
C LYS A 103 6.02 -1.21 15.67
N VAL A 104 4.80 -1.02 16.14
CA VAL A 104 3.65 -1.06 15.24
C VAL A 104 3.42 0.37 14.80
N THR A 105 3.37 0.51 13.49
CA THR A 105 3.36 1.75 12.72
C THR A 105 1.94 2.17 12.45
N ALA A 106 1.10 1.31 11.91
CA ALA A 106 -0.28 1.66 11.73
C ALA A 106 -1.04 0.38 11.81
N VAL A 107 -2.35 0.48 12.00
CA VAL A 107 -3.22 -0.68 11.89
C VAL A 107 -4.52 -0.25 11.25
N GLU A 108 -4.68 -0.41 9.94
CA GLU A 108 -5.96 -0.06 9.29
C GLU A 108 -6.90 -1.25 9.16
N ILE A 109 -8.14 -1.08 9.64
CA ILE A 109 -9.23 -2.03 9.35
C ILE A 109 -9.31 -2.24 7.86
N LYS A 110 -9.38 -3.48 7.41
CA LYS A 110 -9.58 -3.75 5.97
C LYS A 110 -11.08 -3.75 5.52
N ASP A 111 -11.78 -4.87 5.55
CA ASP A 111 -13.17 -4.92 5.13
C ASP A 111 -14.02 -5.13 6.33
N VAL A 112 -15.16 -4.46 6.29
CA VAL A 112 -16.22 -4.68 7.25
C VAL A 112 -17.35 -5.26 6.47
N GLU A 113 -18.00 -6.28 7.03
CA GLU A 113 -19.12 -6.95 6.42
C GLU A 113 -20.28 -7.01 7.39
N LEU A 114 -21.47 -6.78 6.86
CA LEU A 114 -22.74 -6.73 7.65
C LEU A 114 -23.75 -7.70 7.12
N PRO A 115 -24.75 -8.07 7.95
CA PRO A 115 -25.89 -8.87 7.46
C PRO A 115 -26.45 -8.39 6.11
N ALA A 116 -26.79 -9.33 5.25
CA ALA A 116 -27.10 -8.96 3.89
C ALA A 116 -28.50 -8.37 3.82
N GLY A 117 -28.64 -7.34 3.00
CA GLY A 117 -29.83 -6.52 2.95
C GLY A 117 -29.65 -5.32 3.87
N MET A 118 -29.02 -5.53 5.04
CA MET A 118 -28.89 -4.49 6.04
C MET A 118 -28.47 -3.14 5.47
N GLN A 119 -27.30 -3.05 4.85
CA GLN A 119 -26.88 -1.76 4.31
C GLN A 119 -27.83 -1.14 3.21
N LYS A 120 -28.61 -1.95 2.50
CA LYS A 120 -29.66 -1.40 1.60
C LYS A 120 -30.70 -0.63 2.42
N ALA A 121 -31.19 -1.28 3.48
CA ALA A 121 -32.14 -0.67 4.37
C ALA A 121 -31.46 0.56 4.93
N MET A 122 -30.27 0.39 5.49
CA MET A 122 -29.58 1.50 6.15
C MET A 122 -29.35 2.64 5.17
N ALA A 123 -29.24 2.31 3.89
CA ALA A 123 -29.06 3.32 2.86
C ALA A 123 -30.35 4.07 2.61
N ARG A 124 -31.42 3.32 2.30
CA ARG A 124 -32.74 3.90 2.11
C ARG A 124 -33.10 4.83 3.25
N GLN A 125 -33.14 4.31 4.48
CA GLN A 125 -33.55 5.04 5.68
C GLN A 125 -32.74 6.24 6.08
N ALA A 126 -31.60 6.48 5.44
CA ALA A 126 -30.70 7.52 5.87
C ALA A 126 -30.94 8.58 4.86
N GLU A 127 -31.26 8.13 3.65
CA GLU A 127 -31.68 9.00 2.53
C GLU A 127 -32.95 9.72 3.02
N ALA A 128 -33.77 9.00 3.80
CA ALA A 128 -35.05 9.49 4.27
C ALA A 128 -34.89 10.42 5.44
N GLU A 129 -33.90 10.19 6.25
CA GLU A 129 -33.74 11.03 7.41
C GLU A 129 -32.86 12.24 7.02
N ARG A 130 -32.10 12.13 5.93
CA ARG A 130 -31.31 13.28 5.44
C ARG A 130 -32.26 14.37 5.01
N GLU A 131 -33.41 13.98 4.44
CA GLU A 131 -34.45 14.90 3.93
C GLU A 131 -35.28 15.45 5.08
N ARG A 132 -35.87 14.54 5.84
CA ARG A 132 -36.64 14.89 6.99
C ARG A 132 -35.86 15.86 7.88
N ARG A 133 -34.53 15.87 7.77
CA ARG A 133 -33.71 16.81 8.54
C ARG A 133 -33.77 18.17 7.85
N ALA A 134 -33.47 18.18 6.56
CA ALA A 134 -33.55 19.36 5.70
C ALA A 134 -34.85 20.11 5.89
N ARG A 135 -35.98 19.40 5.79
CA ARG A 135 -37.29 19.92 6.15
C ARG A 135 -37.21 20.65 7.50
N ILE A 136 -37.34 19.92 8.59
CA ILE A 136 -37.35 20.54 9.91
C ILE A 136 -36.35 21.69 10.01
N THR A 137 -35.08 21.47 9.69
CA THR A 137 -34.08 22.52 9.95
C THR A 137 -34.46 23.83 9.27
N LEU A 138 -34.91 23.71 8.00
CA LEU A 138 -35.34 24.85 7.18
C LEU A 138 -36.64 25.48 7.68
N ALA A 139 -37.72 24.68 7.73
CA ALA A 139 -38.96 25.10 8.37
C ALA A 139 -38.63 25.88 9.67
N GLU A 140 -37.55 25.49 10.36
CA GLU A 140 -37.12 26.18 11.57
C GLU A 140 -36.55 27.53 11.26
N ALA A 141 -35.51 27.61 10.43
CA ALA A 141 -34.86 28.89 10.04
C ALA A 141 -35.84 29.99 9.70
N GLU A 142 -36.82 29.59 8.89
CA GLU A 142 -37.93 30.38 8.46
C GLU A 142 -38.80 30.81 9.60
N ARG A 143 -39.29 29.88 10.42
CA ARG A 143 -40.12 30.29 11.56
C ARG A 143 -39.42 31.34 12.34
N GLN A 144 -38.11 31.25 12.40
CA GLN A 144 -37.40 32.25 13.18
C GLN A 144 -37.22 33.55 12.44
N ALA A 145 -36.92 33.46 11.14
CA ALA A 145 -36.80 34.66 10.30
C ALA A 145 -38.11 35.47 10.37
N ALA A 146 -39.23 34.74 10.22
CA ALA A 146 -40.59 35.27 10.34
C ALA A 146 -40.76 35.99 11.65
N GLU A 147 -40.27 35.41 12.74
CA GLU A 147 -40.36 36.08 14.02
C GLU A 147 -39.54 37.37 14.06
N LYS A 148 -38.29 37.33 13.63
CA LYS A 148 -37.47 38.49 13.81
C LYS A 148 -37.98 39.53 12.86
N LEU A 149 -38.64 39.08 11.79
CA LEU A 149 -39.08 40.00 10.76
C LEU A 149 -40.28 40.77 11.23
N ARG A 150 -41.30 40.03 11.70
CA ARG A 150 -42.41 40.60 12.41
C ARG A 150 -41.94 41.45 13.57
N GLU A 151 -40.85 41.07 14.21
CA GLU A 151 -40.33 41.91 15.27
C GLU A 151 -39.76 43.26 14.79
N ALA A 152 -39.12 43.28 13.61
CA ALA A 152 -38.58 44.54 13.11
C ALA A 152 -39.72 45.43 12.55
N ALA A 153 -40.77 44.78 12.07
CA ALA A 153 -41.94 45.47 11.52
C ALA A 153 -42.72 46.17 12.60
N GLU A 154 -42.65 45.64 13.82
CA GLU A 154 -43.24 46.34 14.92
C GLU A 154 -42.41 47.53 15.27
N ILE A 155 -41.11 47.33 15.45
CA ILE A 155 -40.28 48.44 15.86
C ILE A 155 -40.30 49.58 14.88
N ILE A 156 -40.27 49.24 13.59
CA ILE A 156 -40.31 50.29 12.57
C ILE A 156 -41.64 51.08 12.67
N SER A 157 -42.75 50.39 12.94
CA SER A 157 -44.01 51.09 13.03
C SER A 157 -44.10 51.99 14.26
N GLU A 158 -43.71 51.45 15.40
CA GLU A 158 -43.80 52.17 16.65
C GLU A 158 -42.82 53.34 16.69
N HIS A 159 -41.71 53.23 15.96
CA HIS A 159 -40.63 54.22 16.00
C HIS A 159 -40.26 54.62 14.61
N PRO A 160 -41.13 55.45 13.96
CA PRO A 160 -40.99 55.71 12.53
C PRO A 160 -39.51 56.02 12.21
N MET A 161 -38.89 56.81 13.07
CA MET A 161 -37.57 57.36 12.84
C MET A 161 -36.42 56.40 12.93
N ALA A 162 -36.66 55.19 13.46
CA ALA A 162 -35.58 54.24 13.77
C ALA A 162 -34.68 53.88 12.57
N LEU A 163 -35.24 53.83 11.36
CA LEU A 163 -34.44 53.65 10.14
C LEU A 163 -33.70 54.92 9.66
N GLN A 164 -33.88 56.08 10.31
CA GLN A 164 -33.27 57.33 9.82
C GLN A 164 -31.82 57.57 10.26
N LEU A 165 -31.60 57.75 11.57
CA LEU A 165 -30.26 58.01 12.12
C LEU A 165 -29.23 56.94 11.66
N ARG A 166 -29.67 55.68 11.60
CA ARG A 166 -28.88 54.62 10.96
C ARG A 166 -28.59 54.92 9.46
N THR A 167 -29.57 55.36 8.66
CA THR A 167 -29.31 55.79 7.26
C THR A 167 -28.46 57.08 7.17
N LEU A 168 -28.32 57.80 8.29
CA LEU A 168 -27.71 59.15 8.29
C LEU A 168 -26.16 59.23 8.39
N GLN A 169 -25.50 58.07 8.59
CA GLN A 169 -24.01 57.94 8.53
C GLN A 169 -23.49 57.10 7.32
N THR A 170 -24.26 57.06 6.23
CA THR A 170 -23.88 56.47 4.92
C THR A 170 -23.55 57.56 3.90
N MET B 1 -25.72 -17.14 9.02
CA MET B 1 -25.85 -15.69 8.69
C MET B 1 -24.99 -15.35 7.44
N ILE B 2 -25.62 -14.87 6.37
CA ILE B 2 -24.88 -14.59 5.10
C ILE B 2 -24.53 -13.10 4.99
N PHE B 3 -23.26 -12.75 4.99
CA PHE B 3 -22.84 -11.33 5.09
C PHE B 3 -22.43 -10.62 3.77
N GLU B 4 -22.49 -9.29 3.71
CA GLU B 4 -21.89 -8.57 2.58
C GLU B 4 -21.00 -7.42 2.94
N LYS B 5 -20.10 -7.08 2.02
CA LYS B 5 -19.08 -6.10 2.22
C LYS B 5 -19.74 -4.73 2.19
N ALA B 6 -19.75 -4.11 3.37
CA ALA B 6 -20.24 -2.76 3.57
C ALA B 6 -19.50 -1.81 2.65
N VAL B 7 -20.27 -0.97 1.93
CA VAL B 7 -19.68 0.18 1.21
C VAL B 7 -19.34 1.26 2.22
N ILE B 8 -18.12 1.79 2.21
CA ILE B 8 -17.76 2.89 3.11
C ILE B 8 -17.01 4.00 2.38
N VAL B 9 -17.02 5.20 2.94
CA VAL B 9 -16.22 6.30 2.42
C VAL B 9 -14.77 5.82 2.43
N ASP B 10 -14.28 5.29 1.32
CA ASP B 10 -12.88 4.82 1.26
C ASP B 10 -11.87 5.89 1.65
N LEU B 11 -10.94 5.49 2.52
CA LEU B 11 -9.86 6.36 2.98
C LEU B 11 -8.65 6.30 2.09
N ARG B 12 -8.38 5.11 1.55
CA ARG B 12 -7.19 4.79 0.72
C ARG B 12 -7.73 4.16 -0.57
N THR B 13 -7.06 4.38 -1.69
CA THR B 13 -7.62 4.01 -3.01
C THR B 13 -7.96 2.54 -3.25
N GLN B 14 -9.18 2.21 -3.65
CA GLN B 14 -9.51 0.87 -4.15
C GLN B 14 -8.95 0.60 -5.58
N VAL B 15 -9.01 -0.65 -6.04
CA VAL B 15 -8.29 -1.10 -7.25
C VAL B 15 -9.10 -2.13 -8.01
N LEU B 16 -9.61 -1.81 -9.19
CA LEU B 16 -10.41 -2.77 -9.93
C LEU B 16 -9.64 -3.30 -11.13
N ASP B 17 -9.79 -4.57 -11.46
CA ASP B 17 -9.06 -5.08 -12.61
C ASP B 17 -10.05 -5.13 -13.72
N VAL B 18 -9.76 -4.55 -14.87
CA VAL B 18 -10.74 -4.63 -15.96
C VAL B 18 -10.43 -5.92 -16.68
N PRO B 19 -11.45 -6.81 -16.89
CA PRO B 19 -11.14 -8.10 -17.54
C PRO B 19 -10.68 -7.85 -18.97
N VAL B 20 -9.93 -8.80 -19.55
CA VAL B 20 -9.31 -8.63 -20.88
C VAL B 20 -10.34 -8.32 -22.00
N GLN B 21 -10.00 -7.40 -22.89
CA GLN B 21 -10.80 -7.20 -24.10
C GLN B 21 -10.00 -7.64 -25.31
N GLU B 22 -10.52 -8.59 -26.07
CA GLU B 22 -9.93 -8.86 -27.37
C GLU B 22 -10.64 -7.97 -28.41
N THR B 23 -9.90 -7.09 -29.08
CA THR B 23 -10.45 -6.25 -30.15
C THR B 23 -9.41 -5.80 -31.21
N ILE B 24 -9.87 -5.16 -32.28
CA ILE B 24 -8.93 -4.70 -33.31
C ILE B 24 -8.57 -3.24 -33.07
N THR B 25 -7.38 -2.79 -33.47
CA THR B 25 -7.03 -1.38 -33.28
C THR B 25 -7.46 -0.62 -34.49
N LYS B 26 -7.39 0.70 -34.43
CA LYS B 26 -7.77 1.51 -35.60
C LYS B 26 -6.93 1.09 -36.80
N ASP B 27 -5.61 1.02 -36.61
CA ASP B 27 -4.61 0.36 -37.44
C ASP B 27 -5.00 -0.99 -37.97
N ASN B 28 -5.98 -1.66 -37.38
CA ASN B 28 -6.32 -3.03 -37.77
C ASN B 28 -5.51 -4.24 -37.23
N VAL B 29 -4.79 -4.03 -36.12
CA VAL B 29 -4.06 -5.11 -35.49
C VAL B 29 -4.86 -5.80 -34.41
N PRO B 30 -4.92 -7.13 -34.44
CA PRO B 30 -5.73 -7.73 -33.38
C PRO B 30 -4.97 -7.81 -32.03
N VAL B 31 -5.70 -7.64 -30.95
CA VAL B 31 -5.05 -7.28 -29.73
C VAL B 31 -5.84 -7.66 -28.49
N ARG B 32 -5.14 -8.09 -27.45
CA ARG B 32 -5.78 -8.38 -26.16
C ARG B 32 -5.26 -7.35 -25.20
N VAL B 33 -6.16 -6.59 -24.59
CA VAL B 33 -5.70 -5.57 -23.67
C VAL B 33 -6.41 -5.55 -22.33
N ASN B 34 -5.73 -5.05 -21.29
CA ASN B 34 -6.44 -4.77 -20.01
C ASN B 34 -5.93 -3.67 -19.11
N ALA B 35 -6.66 -3.41 -18.05
CA ALA B 35 -6.43 -2.15 -17.40
C ALA B 35 -6.76 -2.23 -15.96
N VAL B 36 -6.02 -1.44 -15.17
CA VAL B 36 -6.46 -1.19 -13.80
C VAL B 36 -7.17 0.17 -13.60
N VAL B 37 -8.32 0.11 -12.92
CA VAL B 37 -9.05 1.30 -12.46
C VAL B 37 -8.79 1.67 -10.96
N TYR B 38 -8.11 2.78 -10.70
CA TYR B 38 -7.96 3.20 -9.32
C TYR B 38 -9.13 4.10 -8.89
N PHE B 39 -9.81 3.77 -7.78
CA PHE B 39 -10.93 4.59 -7.35
C PHE B 39 -11.19 4.66 -5.85
N ARG B 40 -11.70 5.78 -5.35
CA ARG B 40 -12.26 5.84 -4.00
C ARG B 40 -13.78 5.98 -4.08
N VAL B 41 -14.49 5.35 -3.14
CA VAL B 41 -15.87 5.75 -2.86
C VAL B 41 -15.84 7.07 -2.09
N VAL B 42 -16.78 7.92 -2.45
CA VAL B 42 -16.84 9.24 -1.88
C VAL B 42 -18.22 9.45 -1.21
N ASP B 43 -19.28 8.86 -1.79
CA ASP B 43 -20.62 8.94 -1.23
C ASP B 43 -21.22 7.53 -1.23
N PRO B 44 -21.04 6.83 -0.12
CA PRO B 44 -21.66 5.50 0.03
C PRO B 44 -23.10 5.49 -0.40
N VAL B 45 -23.88 6.44 0.10
CA VAL B 45 -25.33 6.44 -0.09
C VAL B 45 -25.60 6.48 -1.59
N LYS B 46 -24.90 7.36 -2.31
CA LYS B 46 -25.02 7.31 -3.76
C LYS B 46 -24.82 5.86 -4.26
N ALA B 47 -23.69 5.23 -3.87
CA ALA B 47 -23.19 3.93 -4.39
C ALA B 47 -24.00 2.67 -4.06
N VAL B 48 -24.62 2.66 -2.89
CA VAL B 48 -25.41 1.52 -2.50
C VAL B 48 -26.76 1.62 -3.18
N THR B 49 -27.14 2.83 -3.58
CA THR B 49 -28.54 3.20 -3.74
C THR B 49 -28.93 3.50 -5.18
N GLN B 50 -27.99 3.92 -6.00
CA GLN B 50 -28.30 4.39 -7.33
C GLN B 50 -28.18 3.28 -8.31
N VAL B 51 -27.55 2.18 -7.89
CA VAL B 51 -27.10 1.18 -8.85
C VAL B 51 -26.96 -0.15 -8.18
N LYS B 52 -27.53 -1.17 -8.80
CA LYS B 52 -27.68 -2.46 -8.15
C LYS B 52 -26.37 -2.96 -7.47
N ASN B 53 -25.26 -2.93 -8.20
CA ASN B 53 -23.96 -3.28 -7.66
C ASN B 53 -22.93 -2.30 -8.19
N TYR B 54 -22.37 -1.42 -7.36
CA TYR B 54 -21.40 -0.43 -7.94
C TYR B 54 -20.12 -1.01 -8.58
N ILE B 55 -19.73 -2.22 -8.19
CA ILE B 55 -18.53 -2.83 -8.73
C ILE B 55 -18.79 -3.37 -10.12
N MET B 56 -19.76 -4.27 -10.23
CA MET B 56 -20.11 -4.86 -11.50
C MET B 56 -20.30 -3.74 -12.49
N ALA B 57 -20.97 -2.70 -12.03
CA ALA B 57 -21.29 -1.59 -12.91
C ALA B 57 -20.09 -0.74 -13.32
N THR B 58 -19.08 -0.58 -12.47
CA THR B 58 -17.86 0.14 -12.86
C THR B 58 -16.96 -0.73 -13.74
N SER B 59 -16.94 -2.03 -13.44
CA SER B 59 -16.25 -2.99 -14.26
C SER B 59 -16.86 -2.99 -15.68
N GLN B 60 -18.18 -3.19 -15.81
CA GLN B 60 -18.85 -3.05 -17.14
C GLN B 60 -18.45 -1.78 -17.96
N ILE B 61 -18.72 -0.58 -17.45
CA ILE B 61 -18.44 0.57 -18.29
C ILE B 61 -16.97 0.75 -18.48
N SER B 62 -16.17 0.08 -17.63
CA SER B 62 -14.71 0.12 -17.77
C SER B 62 -14.25 -0.73 -18.96
N GLN B 63 -14.89 -1.89 -19.08
CA GLN B 63 -14.74 -2.71 -20.25
C GLN B 63 -15.11 -1.90 -21.50
N THR B 64 -16.41 -1.69 -21.76
CA THR B 64 -16.94 -0.79 -22.81
C THR B 64 -16.05 0.40 -23.20
N THR B 65 -15.60 1.16 -22.21
CA THR B 65 -14.77 2.27 -22.56
C THR B 65 -13.39 1.85 -23.02
N LEU B 66 -12.81 0.84 -22.35
CA LEU B 66 -11.52 0.29 -22.79
C LEU B 66 -11.61 -0.20 -24.23
N ARG B 67 -12.74 -0.87 -24.54
CA ARG B 67 -12.91 -1.48 -25.83
C ARG B 67 -12.82 -0.36 -26.85
N SER B 68 -13.60 0.70 -26.60
CA SER B 68 -13.73 1.79 -27.56
C SER B 68 -12.46 2.57 -27.78
N VAL B 69 -11.89 3.05 -26.70
CA VAL B 69 -10.63 3.75 -26.76
C VAL B 69 -9.56 3.02 -27.59
N ILE B 70 -9.58 1.69 -27.54
CA ILE B 70 -8.62 0.87 -28.30
C ILE B 70 -8.90 0.96 -29.80
N GLY B 71 -10.09 0.49 -30.19
CA GLY B 71 -10.59 0.61 -31.56
C GLY B 71 -10.25 1.95 -32.21
N GLN B 72 -10.18 3.00 -31.40
CA GLN B 72 -9.89 4.35 -31.88
C GLN B 72 -8.40 4.68 -31.93
N ALA B 73 -7.55 3.71 -31.54
CA ALA B 73 -6.11 3.96 -31.33
C ALA B 73 -5.28 3.12 -32.22
N HIS B 74 -4.09 3.62 -32.49
CA HIS B 74 -3.20 3.03 -33.45
C HIS B 74 -2.30 2.19 -32.59
N LEU B 75 -2.15 0.92 -32.94
CA LEU B 75 -1.12 0.10 -32.29
C LEU B 75 0.01 0.90 -31.66
N ASP B 76 0.73 1.68 -32.43
CA ASP B 76 1.82 2.40 -31.82
C ASP B 76 1.43 3.35 -30.67
N GLU B 77 0.15 3.75 -30.58
CA GLU B 77 -0.29 4.62 -29.48
C GLU B 77 -0.39 3.77 -28.25
N LEU B 78 -1.01 2.61 -28.43
CA LEU B 78 -1.13 1.57 -27.44
C LEU B 78 0.16 1.20 -26.79
N LEU B 79 1.26 1.17 -27.54
CA LEU B 79 2.52 0.73 -26.95
C LEU B 79 3.44 1.90 -26.57
N SER B 80 3.07 3.10 -27.03
CA SER B 80 4.04 4.18 -27.09
C SER B 80 3.58 5.50 -26.60
N GLU B 81 2.27 5.70 -26.55
CA GLU B 81 1.66 6.90 -26.00
C GLU B 81 0.56 6.39 -25.09
N ARG B 82 0.96 5.57 -24.12
CA ARG B 82 -0.01 4.89 -23.29
C ARG B 82 -0.66 5.94 -22.41
N ASP B 83 0.19 6.80 -21.90
CA ASP B 83 -0.23 7.87 -21.08
C ASP B 83 -1.47 8.53 -21.66
N LYS B 84 -1.41 8.93 -22.94
CA LYS B 84 -2.49 9.72 -23.53
C LYS B 84 -3.74 8.89 -23.36
N LEU B 85 -3.71 7.64 -23.84
CA LEU B 85 -4.88 6.74 -23.75
C LEU B 85 -5.33 6.55 -22.30
N ASN B 86 -4.37 6.40 -21.40
CA ASN B 86 -4.65 6.31 -19.99
C ASN B 86 -5.52 7.45 -19.48
N MET B 87 -5.01 8.68 -19.61
CA MET B 87 -5.79 9.88 -19.27
C MET B 87 -7.14 9.89 -19.95
N GLN B 88 -7.18 9.77 -21.27
CA GLN B 88 -8.44 9.62 -21.97
C GLN B 88 -9.47 8.83 -21.22
N LEU B 89 -9.07 7.63 -20.78
CA LEU B 89 -9.91 6.63 -20.12
C LEU B 89 -10.39 7.07 -18.73
N GLN B 90 -9.45 7.72 -18.01
CA GLN B 90 -9.67 8.29 -16.69
C GLN B 90 -10.87 9.25 -16.71
N ARG B 91 -10.74 10.30 -17.52
CA ARG B 91 -11.77 11.28 -17.92
C ARG B 91 -13.18 10.66 -18.24
N ILE B 92 -13.25 9.73 -19.19
CA ILE B 92 -14.54 9.15 -19.56
C ILE B 92 -15.20 8.39 -18.42
N ILE B 93 -14.31 7.69 -17.72
CA ILE B 93 -14.75 6.70 -16.78
C ILE B 93 -15.10 7.44 -15.53
N ASP B 94 -14.30 8.44 -15.11
CA ASP B 94 -14.58 9.04 -13.81
C ASP B 94 -15.98 9.58 -13.77
N GLU B 95 -16.25 10.29 -14.90
CA GLU B 95 -17.52 10.82 -15.39
C GLU B 95 -18.64 9.81 -15.26
N ALA B 96 -18.71 8.83 -16.17
CA ALA B 96 -19.70 7.72 -16.04
C ALA B 96 -20.06 7.36 -14.59
N THR B 97 -19.07 7.44 -13.71
CA THR B 97 -19.04 6.91 -12.37
C THR B 97 -19.70 7.76 -11.30
N ASP B 98 -19.91 9.05 -11.59
CA ASP B 98 -20.41 10.01 -10.58
C ASP B 98 -21.86 9.75 -10.18
N PRO B 99 -22.72 9.43 -11.13
CA PRO B 99 -24.02 8.92 -10.71
C PRO B 99 -24.01 7.98 -9.51
N TRP B 100 -22.85 7.37 -9.24
CA TRP B 100 -22.73 6.28 -8.25
C TRP B 100 -21.91 6.63 -7.01
N GLY B 101 -21.30 7.81 -7.00
CA GLY B 101 -20.62 8.30 -5.83
C GLY B 101 -19.16 7.99 -5.85
N ILE B 102 -18.63 7.69 -7.02
CA ILE B 102 -17.28 7.19 -7.08
C ILE B 102 -16.34 8.14 -7.79
N LYS B 103 -15.28 8.50 -7.08
CA LYS B 103 -14.17 9.18 -7.74
C LYS B 103 -13.16 8.18 -8.34
N VAL B 104 -13.06 8.18 -9.67
CA VAL B 104 -12.04 7.42 -10.33
C VAL B 104 -10.79 8.28 -10.53
N THR B 105 -9.71 8.00 -9.83
CA THR B 105 -8.45 8.76 -9.95
C THR B 105 -7.52 8.44 -11.13
N ALA B 106 -7.31 7.18 -11.45
CA ALA B 106 -6.55 6.83 -12.65
C ALA B 106 -7.13 5.60 -13.28
N VAL B 107 -6.87 5.41 -14.57
CA VAL B 107 -7.12 4.13 -15.22
C VAL B 107 -5.85 3.90 -15.98
N GLU B 108 -5.18 2.76 -15.78
CA GLU B 108 -3.89 2.47 -16.47
C GLU B 108 -3.92 1.16 -17.23
N ILE B 109 -3.48 1.21 -18.47
CA ILE B 109 -3.44 0.01 -19.28
C ILE B 109 -2.29 -0.80 -18.71
N LYS B 110 -2.60 -2.06 -18.39
CA LYS B 110 -1.68 -3.00 -17.79
C LYS B 110 -0.99 -3.84 -18.88
N ASP B 111 -1.45 -5.04 -19.19
CA ASP B 111 -0.73 -5.92 -20.15
C ASP B 111 -1.28 -5.80 -21.57
N VAL B 112 -0.37 -5.78 -22.56
CA VAL B 112 -0.82 -5.76 -23.97
C VAL B 112 -0.34 -6.90 -24.89
N GLU B 113 -1.28 -7.72 -25.33
CA GLU B 113 -0.98 -8.84 -26.22
C GLU B 113 -1.18 -8.53 -27.73
N LEU B 114 -0.16 -8.79 -28.57
CA LEU B 114 -0.28 -8.78 -30.02
C LEU B 114 -0.18 -10.24 -30.49
N PRO B 115 -0.59 -10.53 -31.76
CA PRO B 115 -0.49 -11.90 -32.26
C PRO B 115 0.92 -12.46 -32.20
N ALA B 116 1.03 -13.73 -31.84
CA ALA B 116 2.34 -14.39 -31.66
C ALA B 116 3.35 -14.16 -32.80
N GLY B 117 4.44 -13.46 -32.49
CA GLY B 117 5.50 -13.33 -33.46
C GLY B 117 5.66 -11.97 -34.10
N MET B 118 4.62 -11.13 -33.97
CA MET B 118 4.50 -9.84 -34.70
C MET B 118 5.48 -8.85 -34.09
N GLN B 119 5.57 -8.84 -32.75
CA GLN B 119 6.54 -7.93 -32.11
C GLN B 119 7.95 -8.42 -32.37
N LYS B 120 8.09 -9.74 -32.37
CA LYS B 120 9.38 -10.28 -32.71
C LYS B 120 9.79 -9.71 -34.10
N ALA B 121 8.84 -9.56 -35.03
CA ALA B 121 9.12 -8.91 -36.33
C ALA B 121 9.30 -7.40 -36.24
N MET B 122 8.31 -6.68 -35.74
CA MET B 122 8.52 -5.26 -35.47
C MET B 122 9.84 -5.02 -34.75
N ALA B 123 10.16 -5.80 -33.74
CA ALA B 123 11.45 -5.63 -33.13
C ALA B 123 12.65 -5.80 -34.09
N ARG B 124 12.72 -6.83 -34.95
CA ARG B 124 13.93 -7.06 -35.82
C ARG B 124 14.19 -5.84 -36.69
N GLN B 125 13.13 -5.50 -37.40
CA GLN B 125 13.12 -4.53 -38.42
C GLN B 125 13.36 -3.14 -37.85
N ALA B 126 12.81 -2.84 -36.68
CA ALA B 126 13.07 -1.55 -36.02
C ALA B 126 14.52 -1.43 -35.53
N GLU B 127 15.21 -2.55 -35.45
CA GLU B 127 16.60 -2.53 -35.04
C GLU B 127 17.41 -2.35 -36.29
N ALA B 128 16.91 -2.92 -37.41
CA ALA B 128 17.53 -2.68 -38.71
C ALA B 128 17.64 -1.15 -38.93
N GLU B 129 16.51 -0.44 -38.83
CA GLU B 129 16.55 1.01 -38.99
C GLU B 129 17.56 1.76 -38.10
N ARG B 130 17.97 1.18 -36.97
CA ARG B 130 18.98 1.83 -36.09
C ARG B 130 20.39 1.56 -36.57
N GLU B 131 20.57 0.39 -37.21
CA GLU B 131 21.82 -0.01 -37.90
C GLU B 131 21.96 0.75 -39.21
N ARG B 132 20.82 1.21 -39.75
CA ARG B 132 20.77 2.18 -40.85
C ARG B 132 21.18 3.60 -40.36
N ARG B 133 20.29 4.36 -39.69
CA ARG B 133 20.60 5.73 -39.20
C ARG B 133 21.89 5.89 -38.37
N ALA B 134 22.49 4.78 -37.95
CA ALA B 134 23.78 4.80 -37.24
C ALA B 134 24.98 4.74 -38.18
N ARG B 135 24.82 4.13 -39.36
CA ARG B 135 25.88 4.18 -40.39
C ARG B 135 25.78 5.38 -41.40
N ILE B 136 24.54 5.84 -41.71
CA ILE B 136 24.25 7.10 -42.47
C ILE B 136 24.57 8.35 -41.62
N THR B 137 25.17 8.10 -40.46
CA THR B 137 25.65 9.14 -39.55
C THR B 137 27.14 8.88 -39.15
N LEU B 138 27.75 7.81 -39.67
CA LEU B 138 29.21 7.56 -39.50
C LEU B 138 30.04 7.59 -40.82
N ALA B 139 29.36 7.62 -41.97
CA ALA B 139 29.99 7.99 -43.25
C ALA B 139 29.72 9.47 -43.62
N GLU B 140 28.80 10.12 -42.90
CA GLU B 140 28.47 11.54 -43.09
C GLU B 140 29.37 12.45 -42.25
N ALA B 141 29.62 12.07 -41.00
CA ALA B 141 30.55 12.76 -40.12
C ALA B 141 31.96 12.73 -40.72
N GLU B 142 32.56 11.53 -40.71
CA GLU B 142 33.94 11.33 -41.21
C GLU B 142 34.03 11.29 -42.75
N MET C 1 -6.49 -17.49 -32.61
CA MET C 1 -5.26 -16.66 -32.51
C MET C 1 -4.43 -17.05 -31.33
N ILE C 2 -3.12 -16.86 -31.45
CA ILE C 2 -2.25 -17.07 -30.32
C ILE C 2 -1.48 -15.80 -30.03
N PHE C 3 -1.51 -15.36 -28.77
CA PHE C 3 -1.02 -14.02 -28.49
C PHE C 3 0.21 -14.04 -27.57
N GLU C 4 0.79 -12.89 -27.27
CA GLU C 4 1.98 -12.82 -26.42
C GLU C 4 1.92 -11.47 -25.67
N LYS C 5 2.45 -11.39 -24.45
CA LYS C 5 2.55 -10.08 -23.83
C LYS C 5 3.50 -9.30 -24.69
N ALA C 6 3.31 -8.00 -24.80
CA ALA C 6 4.16 -7.23 -25.66
C ALA C 6 5.14 -6.64 -24.73
N VAL C 7 6.36 -6.35 -25.20
CA VAL C 7 7.34 -5.74 -24.33
C VAL C 7 7.28 -4.28 -24.56
N ILE C 8 6.62 -3.58 -23.67
CA ILE C 8 6.54 -2.14 -23.77
C ILE C 8 7.53 -1.39 -22.82
N VAL C 9 7.61 -0.08 -23.01
CA VAL C 9 8.26 0.83 -22.05
C VAL C 9 7.45 0.81 -20.76
N ASP C 10 8.14 0.71 -19.62
CA ASP C 10 7.38 0.57 -18.39
C ASP C 10 7.16 1.92 -17.78
N LEU C 11 5.89 2.23 -17.54
CA LEU C 11 5.49 3.51 -16.98
C LEU C 11 5.67 3.47 -15.45
N ARG C 12 5.57 2.26 -14.87
CA ARG C 12 5.63 2.08 -13.44
C ARG C 12 6.67 1.03 -13.20
N THR C 13 7.05 0.81 -11.95
CA THR C 13 8.07 -0.16 -11.68
C THR C 13 7.52 -1.57 -11.71
N GLN C 14 7.97 -2.45 -12.62
CA GLN C 14 7.75 -3.91 -12.50
C GLN C 14 8.48 -4.52 -11.22
N VAL C 15 8.00 -5.65 -10.66
CA VAL C 15 8.64 -6.33 -9.50
C VAL C 15 9.12 -7.74 -9.94
N LEU C 16 10.17 -8.32 -9.39
CA LEU C 16 10.54 -9.70 -9.83
C LEU C 16 11.13 -10.62 -8.71
N ASP C 17 10.41 -11.62 -8.22
CA ASP C 17 10.96 -12.40 -7.10
C ASP C 17 12.15 -13.19 -7.59
N VAL C 18 13.29 -13.00 -6.92
CA VAL C 18 14.50 -13.79 -7.17
C VAL C 18 14.48 -15.13 -6.41
N PRO C 19 14.34 -16.29 -7.12
CA PRO C 19 14.40 -17.66 -6.54
C PRO C 19 15.45 -17.83 -5.46
N VAL C 20 15.08 -18.50 -4.39
CA VAL C 20 16.00 -18.71 -3.28
C VAL C 20 17.34 -19.31 -3.71
N GLN C 21 18.44 -18.75 -3.22
CA GLN C 21 19.76 -19.37 -3.32
C GLN C 21 20.12 -19.88 -1.94
N GLU C 22 20.60 -21.12 -1.84
CA GLU C 22 21.13 -21.59 -0.57
C GLU C 22 22.59 -21.77 -0.79
N THR C 23 23.40 -21.33 0.15
CA THR C 23 24.87 -21.21 -0.02
C THR C 23 25.60 -20.85 1.30
N ILE C 24 26.93 -20.84 1.25
CA ILE C 24 27.75 -20.64 2.44
C ILE C 24 28.30 -19.21 2.48
N THR C 25 28.18 -18.55 3.64
CA THR C 25 28.67 -17.17 3.85
C THR C 25 30.21 -17.19 3.90
N LYS C 26 30.88 -16.03 3.84
CA LYS C 26 32.36 -16.03 3.91
C LYS C 26 32.75 -16.76 5.20
N ASP C 27 32.32 -16.13 6.30
CA ASP C 27 31.98 -16.68 7.63
C ASP C 27 31.83 -18.14 7.82
N ASN C 28 31.38 -18.85 6.79
CA ASN C 28 31.13 -20.30 6.81
C ASN C 28 29.78 -20.78 7.25
N VAL C 29 28.82 -19.89 7.46
CA VAL C 29 27.49 -20.35 7.82
C VAL C 29 26.59 -20.66 6.59
N PRO C 30 25.93 -21.85 6.58
CA PRO C 30 24.93 -22.24 5.55
C PRO C 30 23.74 -21.31 5.57
N VAL C 31 23.19 -20.99 4.40
CA VAL C 31 22.25 -19.86 4.29
C VAL C 31 21.24 -19.99 3.13
N ARG C 32 19.97 -19.73 3.40
CA ARG C 32 18.99 -19.67 2.31
C ARG C 32 18.63 -18.20 2.14
N VAL C 33 18.80 -17.62 0.97
CA VAL C 33 18.57 -16.18 0.85
C VAL C 33 17.88 -15.84 -0.44
N ASN C 34 16.95 -14.89 -0.35
CA ASN C 34 16.19 -14.51 -1.54
C ASN C 34 15.93 -12.99 -1.57
N ALA C 35 15.56 -12.46 -2.74
CA ALA C 35 15.50 -11.02 -2.88
C ALA C 35 14.43 -10.55 -3.86
N VAL C 36 14.02 -9.29 -3.77
CA VAL C 36 13.18 -8.73 -4.81
C VAL C 36 13.98 -7.76 -5.70
N VAL C 37 13.91 -7.93 -7.02
CA VAL C 37 14.50 -6.99 -7.97
C VAL C 37 13.44 -6.01 -8.46
N TYR C 38 13.69 -4.71 -8.35
CA TYR C 38 12.77 -3.73 -8.95
C TYR C 38 13.35 -3.15 -10.23
N PHE C 39 12.53 -3.10 -11.29
CA PHE C 39 13.02 -2.74 -12.59
C PHE C 39 11.99 -2.10 -13.52
N ARG C 40 12.47 -1.57 -14.64
CA ARG C 40 11.65 -1.00 -15.69
C ARG C 40 12.33 -1.26 -17.03
N VAL C 41 11.56 -1.68 -18.04
CA VAL C 41 12.10 -1.88 -19.38
C VAL C 41 12.23 -0.47 -19.91
N VAL C 42 13.39 -0.20 -20.49
CA VAL C 42 13.68 1.15 -20.99
C VAL C 42 13.93 1.22 -22.51
N ASP C 43 14.49 0.19 -23.10
CA ASP C 43 14.59 0.12 -24.52
C ASP C 43 13.92 -1.22 -24.97
N PRO C 44 12.62 -1.20 -25.27
CA PRO C 44 11.98 -2.48 -25.66
C PRO C 44 12.59 -3.17 -26.86
N VAL C 45 13.14 -2.41 -27.80
CA VAL C 45 13.81 -3.08 -28.92
C VAL C 45 15.00 -3.90 -28.37
N LYS C 46 15.82 -3.27 -27.54
CA LYS C 46 16.96 -4.01 -27.01
C LYS C 46 16.50 -5.30 -26.31
N ALA C 47 15.42 -5.16 -25.53
CA ALA C 47 14.89 -6.22 -24.68
C ALA C 47 14.30 -7.40 -25.44
N VAL C 48 13.68 -7.14 -26.60
CA VAL C 48 13.06 -8.22 -27.34
C VAL C 48 14.15 -8.93 -28.12
N THR C 49 15.25 -8.21 -28.32
CA THR C 49 16.23 -8.52 -29.33
C THR C 49 17.52 -9.18 -28.89
N GLN C 50 18.07 -8.82 -27.71
CA GLN C 50 19.41 -9.28 -27.27
C GLN C 50 19.35 -10.51 -26.41
N VAL C 51 18.16 -10.92 -26.03
CA VAL C 51 18.05 -11.92 -25.00
C VAL C 51 16.75 -12.67 -25.30
N LYS C 52 16.73 -14.00 -25.16
CA LYS C 52 15.53 -14.71 -25.63
C LYS C 52 14.38 -14.32 -24.73
N ASN C 53 14.57 -14.48 -23.42
CA ASN C 53 13.59 -13.99 -22.48
C ASN C 53 14.25 -13.08 -21.42
N TYR C 54 13.98 -11.76 -21.48
CA TYR C 54 14.56 -10.78 -20.52
C TYR C 54 14.16 -10.96 -19.05
N ILE C 55 12.94 -11.45 -18.83
CA ILE C 55 12.55 -11.77 -17.50
C ILE C 55 13.37 -12.94 -17.01
N MET C 56 13.49 -13.99 -17.82
CA MET C 56 14.37 -15.06 -17.42
C MET C 56 15.78 -14.60 -17.12
N ALA C 57 16.36 -13.80 -18.03
CA ALA C 57 17.77 -13.39 -17.92
C ALA C 57 18.02 -12.52 -16.70
N THR C 58 17.15 -11.54 -16.48
CA THR C 58 17.15 -10.85 -15.19
C THR C 58 17.09 -11.83 -13.98
N SER C 59 16.16 -12.79 -13.99
CA SER C 59 16.16 -13.80 -12.93
C SER C 59 17.55 -14.47 -12.75
N GLN C 60 18.18 -14.90 -13.82
CA GLN C 60 19.45 -15.55 -13.63
C GLN C 60 20.65 -14.62 -13.25
N ILE C 61 20.79 -13.43 -13.85
CA ILE C 61 21.95 -12.68 -13.37
C ILE C 61 21.67 -12.35 -11.92
N SER C 62 20.44 -11.96 -11.62
CA SER C 62 20.08 -11.71 -10.24
C SER C 62 20.44 -12.93 -9.33
N GLN C 63 20.07 -14.14 -9.78
CA GLN C 63 20.36 -15.34 -8.98
C GLN C 63 21.86 -15.49 -8.71
N THR C 64 22.64 -15.40 -9.77
CA THR C 64 24.07 -15.60 -9.78
C THR C 64 24.78 -14.52 -9.02
N THR C 65 24.27 -13.30 -9.15
CA THR C 65 24.91 -12.15 -8.51
C THR C 65 24.74 -12.29 -7.02
N LEU C 66 23.51 -12.58 -6.61
CA LEU C 66 23.17 -12.81 -5.20
C LEU C 66 24.03 -13.92 -4.63
N ARG C 67 24.18 -15.02 -5.37
CA ARG C 67 24.90 -16.16 -4.83
C ARG C 67 26.33 -15.72 -4.55
N SER C 68 26.90 -14.97 -5.49
CA SER C 68 28.26 -14.51 -5.36
C SER C 68 28.43 -13.57 -4.18
N VAL C 69 27.55 -12.59 -4.12
CA VAL C 69 27.56 -11.57 -3.11
C VAL C 69 27.39 -12.17 -1.73
N ILE C 70 26.68 -13.27 -1.64
CA ILE C 70 26.47 -13.81 -0.32
C ILE C 70 27.72 -14.50 0.12
N GLY C 71 28.38 -15.18 -0.83
CA GLY C 71 29.58 -15.96 -0.57
C GLY C 71 30.65 -15.03 -0.09
N GLN C 72 30.57 -13.76 -0.48
CA GLN C 72 31.53 -12.73 -0.06
C GLN C 72 31.26 -12.11 1.26
N ALA C 73 30.03 -12.25 1.77
CA ALA C 73 29.61 -11.49 2.93
C ALA C 73 29.69 -12.34 4.13
N HIS C 74 29.97 -11.69 5.27
CA HIS C 74 30.05 -12.37 6.59
C HIS C 74 28.63 -12.46 7.13
N LEU C 75 28.32 -13.53 7.82
CA LEU C 75 26.98 -13.62 8.39
C LEU C 75 26.51 -12.30 8.97
N ASP C 76 27.26 -11.71 9.88
CA ASP C 76 26.72 -10.51 10.48
C ASP C 76 26.30 -9.48 9.42
N GLU C 77 26.93 -9.51 8.27
CA GLU C 77 26.66 -8.50 7.25
C GLU C 77 25.25 -8.61 6.71
N LEU C 78 24.84 -9.84 6.39
CA LEU C 78 23.49 -10.16 5.97
C LEU C 78 22.50 -9.67 6.97
N LEU C 79 22.77 -9.88 8.27
CA LEU C 79 21.79 -9.55 9.34
C LEU C 79 21.75 -8.06 9.68
N SER C 80 22.93 -7.47 9.78
CA SER C 80 23.03 -6.10 10.25
C SER C 80 23.36 -5.08 9.19
N GLU C 81 24.18 -5.42 8.21
CA GLU C 81 24.33 -4.45 7.12
C GLU C 81 23.56 -4.67 5.81
N ARG C 82 22.37 -5.27 5.88
CA ARG C 82 21.62 -5.54 4.66
C ARG C 82 21.69 -4.36 3.68
N ASP C 83 21.57 -3.15 4.17
CA ASP C 83 21.49 -2.03 3.25
C ASP C 83 22.70 -1.94 2.30
N LYS C 84 23.91 -1.99 2.83
CA LYS C 84 25.10 -1.96 1.99
C LYS C 84 24.98 -3.03 0.88
N LEU C 85 24.71 -4.29 1.26
CA LEU C 85 24.52 -5.40 0.29
C LEU C 85 23.52 -5.06 -0.85
N ASN C 86 22.25 -5.01 -0.42
CA ASN C 86 21.20 -4.36 -1.18
C ASN C 86 21.68 -3.39 -2.25
N MET C 87 22.54 -2.45 -1.88
CA MET C 87 22.98 -1.40 -2.78
C MET C 87 23.97 -1.86 -3.88
N GLN C 88 24.94 -2.70 -3.50
CA GLN C 88 25.91 -3.23 -4.46
C GLN C 88 25.13 -4.17 -5.38
N LEU C 89 24.16 -4.85 -4.77
CA LEU C 89 23.35 -5.76 -5.53
C LEU C 89 22.76 -4.98 -6.73
N GLN C 90 22.20 -3.82 -6.43
CA GLN C 90 21.58 -2.98 -7.42
C GLN C 90 22.57 -2.51 -8.51
N ARG C 91 23.67 -1.92 -8.08
CA ARG C 91 24.82 -1.60 -8.93
C ARG C 91 25.23 -2.77 -9.87
N ILE C 92 25.62 -3.89 -9.27
CA ILE C 92 26.10 -4.97 -10.11
C ILE C 92 25.01 -5.48 -11.05
N ILE C 93 23.77 -5.46 -10.59
CA ILE C 93 22.76 -6.11 -11.42
C ILE C 93 22.40 -5.17 -12.54
N ASP C 94 22.21 -3.88 -12.22
CA ASP C 94 21.62 -2.95 -13.20
C ASP C 94 22.46 -2.83 -14.47
N GLU C 95 23.77 -2.73 -14.18
CA GLU C 95 24.87 -2.91 -15.08
C GLU C 95 24.66 -4.16 -15.92
N ALA C 96 24.89 -5.35 -15.34
CA ALA C 96 24.78 -6.63 -16.06
C ALA C 96 23.60 -6.63 -17.01
N THR C 97 22.49 -6.22 -16.46
CA THR C 97 21.27 -5.91 -17.13
C THR C 97 21.32 -5.02 -18.41
N ASP C 98 22.30 -4.12 -18.56
CA ASP C 98 22.08 -2.98 -19.49
C ASP C 98 22.00 -3.39 -20.95
N PRO C 99 22.89 -4.31 -21.38
CA PRO C 99 22.71 -4.80 -22.75
C PRO C 99 21.22 -5.01 -23.16
N TRP C 100 20.44 -5.71 -22.31
CA TRP C 100 18.98 -5.98 -22.49
C TRP C 100 18.04 -4.78 -22.35
N GLY C 101 18.56 -3.60 -22.07
CA GLY C 101 17.68 -2.44 -22.11
C GLY C 101 16.79 -2.37 -20.88
N ILE C 102 17.34 -2.79 -19.74
CA ILE C 102 16.59 -2.70 -18.50
C ILE C 102 17.25 -1.80 -17.46
N LYS C 103 16.42 -1.01 -16.79
CA LYS C 103 16.85 -0.29 -15.59
C LYS C 103 16.41 -1.04 -14.33
N VAL C 104 17.38 -1.53 -13.57
CA VAL C 104 17.10 -2.15 -12.30
C VAL C 104 17.27 -1.02 -11.31
N THR C 105 16.25 -0.74 -10.54
CA THR C 105 16.14 0.46 -9.74
C THR C 105 16.60 0.20 -8.31
N ALA C 106 16.20 -0.94 -7.74
CA ALA C 106 16.61 -1.34 -6.41
C ALA C 106 16.73 -2.87 -6.48
N VAL C 107 17.31 -3.49 -5.45
CA VAL C 107 17.33 -4.97 -5.32
C VAL C 107 17.43 -5.20 -3.85
N GLU C 108 16.43 -5.83 -3.25
CA GLU C 108 16.36 -5.84 -1.79
C GLU C 108 16.25 -7.24 -1.28
N ILE C 109 17.28 -7.68 -0.57
CA ILE C 109 17.27 -8.97 0.07
C ILE C 109 16.02 -9.05 0.94
N LYS C 110 15.33 -10.18 0.84
CA LYS C 110 14.03 -10.39 1.46
C LYS C 110 14.06 -11.15 2.83
N ASP C 111 14.27 -12.48 2.80
CA ASP C 111 14.37 -13.34 3.98
C ASP C 111 15.70 -14.01 3.92
N VAL C 112 16.36 -14.04 5.06
CA VAL C 112 17.55 -14.84 5.25
C VAL C 112 17.19 -15.95 6.22
N GLU C 113 17.35 -17.21 5.82
CA GLU C 113 17.10 -18.31 6.69
C GLU C 113 18.45 -18.77 7.22
N LEU C 114 18.56 -18.77 8.55
CA LEU C 114 19.66 -19.44 9.23
C LEU C 114 19.37 -20.90 9.46
N PRO C 115 20.40 -21.72 9.70
CA PRO C 115 20.17 -23.09 10.19
C PRO C 115 19.52 -23.01 11.56
N ALA C 116 18.49 -23.82 11.78
CA ALA C 116 17.59 -23.61 12.95
C ALA C 116 18.26 -23.86 14.30
N GLY C 117 17.72 -23.25 15.34
CA GLY C 117 18.38 -23.29 16.61
C GLY C 117 19.53 -22.34 16.76
N MET C 118 20.24 -22.05 15.68
CA MET C 118 21.41 -21.14 15.76
C MET C 118 21.04 -19.76 16.30
N GLN C 119 19.88 -19.28 15.89
CA GLN C 119 19.45 -17.94 16.19
C GLN C 119 18.95 -17.74 17.65
N LYS C 120 18.23 -18.73 18.15
CA LYS C 120 17.85 -18.81 19.58
C LYS C 120 19.13 -18.77 20.42
N ALA C 121 20.10 -19.63 20.10
CA ALA C 121 21.43 -19.61 20.72
C ALA C 121 21.98 -18.19 20.85
N MET C 122 22.16 -17.51 19.71
CA MET C 122 22.67 -16.15 19.71
C MET C 122 21.81 -15.15 20.49
N ALA C 123 20.48 -15.25 20.39
CA ALA C 123 19.60 -14.31 21.08
C ALA C 123 19.73 -14.40 22.59
N ARG C 124 19.75 -15.65 23.10
CA ARG C 124 19.76 -15.91 24.53
C ARG C 124 21.06 -15.43 25.08
N GLN C 125 22.11 -15.59 24.28
CA GLN C 125 23.42 -15.16 24.69
C GLN C 125 23.42 -13.65 24.72
N ALA C 126 22.70 -13.08 23.76
CA ALA C 126 22.71 -11.64 23.59
C ALA C 126 22.05 -11.02 24.79
N GLU C 127 20.98 -11.67 25.24
CA GLU C 127 20.09 -11.22 26.32
C GLU C 127 20.85 -11.26 27.63
N ALA C 128 21.60 -12.36 27.80
CA ALA C 128 22.40 -12.59 28.98
C ALA C 128 23.43 -11.48 29.12
N GLU C 129 24.02 -11.05 28.01
CA GLU C 129 25.04 -9.98 28.06
C GLU C 129 24.45 -8.66 28.52
N ARG C 130 23.30 -8.26 27.98
CA ARG C 130 22.67 -7.01 28.38
C ARG C 130 22.29 -7.05 29.88
N GLU C 131 21.96 -8.27 30.34
CA GLU C 131 21.41 -8.56 31.69
C GLU C 131 22.55 -8.39 32.74
N ARG C 132 23.73 -8.92 32.41
CA ARG C 132 25.03 -8.68 33.07
C ARG C 132 25.29 -7.16 33.17
N ARG C 133 25.50 -6.52 32.02
CA ARG C 133 25.78 -5.07 31.88
C ARG C 133 24.91 -4.15 32.71
N ALA C 134 23.61 -4.38 32.63
CA ALA C 134 22.59 -3.68 33.42
C ALA C 134 22.74 -3.84 34.96
N ARG C 135 23.15 -5.03 35.42
CA ARG C 135 23.49 -5.23 36.83
C ARG C 135 24.66 -4.34 37.24
N ILE C 136 25.62 -4.14 36.36
CA ILE C 136 26.80 -3.37 36.68
C ILE C 136 26.46 -1.92 36.76
N THR C 137 25.91 -1.41 35.68
CA THR C 137 25.56 0.01 35.61
C THR C 137 24.67 0.47 36.74
N LEU C 138 23.71 -0.40 37.07
CA LEU C 138 22.82 -0.16 38.16
C LEU C 138 23.63 0.10 39.41
N ALA C 139 24.49 -0.84 39.79
CA ALA C 139 25.36 -0.68 40.96
C ALA C 139 26.29 0.55 40.82
N GLU C 140 27.03 0.68 39.71
CA GLU C 140 27.82 1.91 39.51
C GLU C 140 26.98 3.20 39.68
N ALA C 141 25.71 3.17 39.26
CA ALA C 141 24.88 4.37 39.31
C ALA C 141 24.40 4.63 40.70
N GLU C 142 24.11 3.55 41.42
CA GLU C 142 23.63 3.61 42.77
C GLU C 142 24.77 4.19 43.60
N ARG C 143 25.91 3.47 43.61
CA ARG C 143 27.17 3.83 44.31
C ARG C 143 27.57 5.31 44.17
N GLN C 144 27.43 5.82 42.96
CA GLN C 144 27.80 7.19 42.69
C GLN C 144 26.77 8.18 43.14
N ALA C 145 25.50 7.78 43.10
CA ALA C 145 24.42 8.64 43.60
C ALA C 145 24.63 8.79 45.11
N ALA C 146 25.01 7.66 45.75
CA ALA C 146 25.41 7.57 47.17
C ALA C 146 26.46 8.63 47.52
N GLU C 147 27.56 8.65 46.72
CA GLU C 147 28.67 9.55 46.96
C GLU C 147 28.32 10.99 46.72
N LYS C 148 27.67 11.26 45.60
CA LYS C 148 27.19 12.59 45.39
C LYS C 148 26.23 13.05 46.51
N LEU C 149 25.55 12.11 47.14
CA LEU C 149 24.66 12.47 48.25
C LEU C 149 25.42 12.64 49.57
N ARG C 150 26.38 11.74 49.79
CA ARG C 150 27.36 11.87 50.84
C ARG C 150 28.08 13.26 50.75
N GLU C 151 28.63 13.62 49.59
CA GLU C 151 29.25 14.96 49.50
C GLU C 151 28.25 16.12 49.44
N ALA C 152 26.99 15.80 49.15
CA ALA C 152 25.88 16.72 49.33
C ALA C 152 25.79 17.01 50.78
N ALA C 153 25.92 15.94 51.57
CA ALA C 153 25.79 15.97 53.04
C ALA C 153 26.83 16.81 53.77
N GLU C 154 28.15 16.68 53.47
CA GLU C 154 29.18 17.56 54.11
C GLU C 154 28.76 19.01 53.93
N ILE C 155 28.60 19.40 52.68
CA ILE C 155 28.30 20.78 52.40
C ILE C 155 27.21 21.34 53.34
N ILE C 156 26.15 20.57 53.61
CA ILE C 156 25.07 21.09 54.47
C ILE C 156 25.39 20.99 55.98
N SER C 157 26.17 19.98 56.37
CA SER C 157 26.71 19.86 57.72
C SER C 157 27.60 21.02 58.08
N GLU C 158 28.86 20.88 57.68
CA GLU C 158 29.95 21.83 57.95
C GLU C 158 29.65 23.31 57.59
N HIS C 159 28.57 23.57 56.83
CA HIS C 159 28.23 24.93 56.38
C HIS C 159 26.71 25.22 56.24
N PRO C 160 25.97 25.47 57.35
CA PRO C 160 24.55 25.80 57.10
C PRO C 160 24.32 27.30 56.82
#